data_1Y5C
#
_entry.id   1Y5C
#
_entity_poly.entity_id   1
_entity_poly.type   'polypeptide(L)'
_entity_poly.pdbx_seq_one_letter_code
;RRWQWRMKKLG
;
_entity_poly.pdbx_strand_id   A
#
# COMPACT_ATOMS: atom_id res chain seq x y z
N ARG A 1 5.32 -7.59 3.56
CA ARG A 1 4.43 -6.40 3.60
C ARG A 1 3.47 -6.46 4.78
N ARG A 2 3.27 -5.33 5.44
CA ARG A 2 2.38 -5.25 6.59
C ARG A 2 0.95 -5.62 6.20
N TRP A 3 0.69 -5.64 4.89
CA TRP A 3 -0.63 -5.97 4.37
C TRP A 3 -0.56 -6.35 2.89
N GLN A 4 -1.42 -5.72 2.08
CA GLN A 4 -1.45 -6.00 0.64
C GLN A 4 -2.02 -4.81 -0.12
N TRP A 5 -1.45 -3.63 0.15
CA TRP A 5 -1.87 -2.40 -0.49
C TRP A 5 -1.72 -2.47 -2.01
N ARG A 6 -1.67 -1.30 -2.65
CA ARG A 6 -1.52 -1.22 -4.10
C ARG A 6 -0.85 0.09 -4.50
N MET A 7 -1.36 1.21 -3.97
CA MET A 7 -0.80 2.52 -4.26
C MET A 7 -1.45 3.59 -3.37
N LYS A 8 -1.76 3.21 -2.13
CA LYS A 8 -2.37 4.13 -1.19
C LYS A 8 -1.30 5.01 -0.55
N LYS A 9 -0.16 4.41 -0.27
CA LYS A 9 0.96 5.12 0.34
C LYS A 9 1.46 6.23 -0.59
N LEU A 10 1.63 5.89 -1.86
CA LEU A 10 2.11 6.85 -2.85
C LEU A 10 1.14 8.02 -3.00
N GLY A 11 1.68 9.23 -3.06
CA GLY A 11 0.85 10.41 -3.20
C GLY A 11 1.67 11.68 -3.29
N ARG A 1 4.46 -8.20 3.19
CA ARG A 1 3.73 -6.94 3.45
C ARG A 1 2.87 -7.04 4.70
N ARG A 2 2.84 -5.97 5.49
CA ARG A 2 2.04 -5.92 6.71
C ARG A 2 0.58 -6.23 6.42
N TRP A 3 0.22 -6.14 5.13
CA TRP A 3 -1.15 -6.40 4.69
C TRP A 3 -1.17 -6.78 3.20
N GLN A 4 -2.00 -6.09 2.43
CA GLN A 4 -2.11 -6.37 1.00
C GLN A 4 -2.62 -5.14 0.26
N TRP A 5 -1.92 -4.02 0.44
CA TRP A 5 -2.28 -2.76 -0.20
C TRP A 5 -2.21 -2.86 -1.73
N ARG A 6 -1.77 -1.79 -2.38
CA ARG A 6 -1.66 -1.76 -3.83
C ARG A 6 -0.96 -0.49 -4.32
N MET A 7 -1.42 0.65 -3.83
CA MET A 7 -0.84 1.93 -4.21
C MET A 7 -1.47 3.08 -3.41
N LYS A 8 -1.75 2.82 -2.14
CA LYS A 8 -2.34 3.82 -1.27
C LYS A 8 -1.27 4.79 -0.77
N LYS A 9 -0.07 4.25 -0.54
CA LYS A 9 1.05 5.04 -0.05
C LYS A 9 1.36 6.19 -1.02
N LEU A 10 1.37 5.87 -2.31
CA LEU A 10 1.66 6.87 -3.33
C LEU A 10 0.62 7.99 -3.31
N GLY A 11 1.10 9.22 -3.39
CA GLY A 11 0.21 10.37 -3.37
C GLY A 11 0.96 11.68 -3.45
N ARG A 1 4.76 -8.91 3.80
CA ARG A 1 4.17 -7.55 3.71
C ARG A 1 3.20 -7.29 4.85
N ARG A 2 3.23 -6.08 5.38
CA ARG A 2 2.36 -5.68 6.49
C ARG A 2 0.89 -5.96 6.17
N TRP A 3 0.51 -5.79 4.90
CA TRP A 3 -0.87 -6.02 4.49
C TRP A 3 -0.97 -6.25 2.98
N GLN A 4 -2.04 -5.73 2.37
CA GLN A 4 -2.25 -5.88 0.93
C GLN A 4 -2.81 -4.60 0.34
N TRP A 5 -2.07 -3.51 0.54
CA TRP A 5 -2.47 -2.20 0.03
C TRP A 5 -2.53 -2.20 -1.51
N ARG A 6 -2.14 -1.08 -2.11
CA ARG A 6 -2.14 -0.97 -3.58
C ARG A 6 -1.41 0.29 -4.04
N MET A 7 -1.95 1.46 -3.69
CA MET A 7 -1.35 2.74 -4.06
C MET A 7 -1.84 3.85 -3.14
N LYS A 8 -2.09 3.51 -1.88
CA LYS A 8 -2.58 4.47 -0.90
C LYS A 8 -1.44 5.35 -0.42
N LYS A 9 -0.27 4.73 -0.24
CA LYS A 9 0.92 5.44 0.21
C LYS A 9 1.44 6.36 -0.89
N LEU A 10 1.47 5.84 -2.11
CA LEU A 10 1.96 6.60 -3.26
C LEU A 10 1.14 7.86 -3.47
N GLY A 11 1.82 8.96 -3.77
CA GLY A 11 1.14 10.22 -3.99
C GLY A 11 2.09 11.33 -4.38
N ARG A 1 4.43 -8.27 3.39
CA ARG A 1 3.68 -6.99 3.35
C ARG A 1 2.69 -6.90 4.52
N ARG A 2 2.63 -5.72 5.14
CA ARG A 2 1.73 -5.50 6.27
C ARG A 2 0.28 -5.74 5.86
N TRP A 3 0.01 -5.67 4.56
CA TRP A 3 -1.34 -5.88 4.04
C TRP A 3 -1.31 -6.15 2.54
N GLN A 4 -2.31 -5.61 1.83
CA GLN A 4 -2.40 -5.79 0.38
C GLN A 4 -2.86 -4.49 -0.28
N TRP A 5 -2.11 -3.43 -0.03
CA TRP A 5 -2.41 -2.11 -0.57
C TRP A 5 -2.36 -2.12 -2.11
N ARG A 6 -2.01 -0.97 -2.68
CA ARG A 6 -1.92 -0.84 -4.14
C ARG A 6 -1.20 0.45 -4.52
N MET A 7 -1.66 1.56 -3.95
CA MET A 7 -1.06 2.87 -4.23
C MET A 7 -1.69 3.95 -3.36
N LYS A 8 -2.08 3.58 -2.14
CA LYS A 8 -2.69 4.53 -1.21
C LYS A 8 -1.62 5.22 -0.38
N LYS A 9 -0.68 4.43 0.13
CA LYS A 9 0.41 4.95 0.95
C LYS A 9 1.32 5.85 0.15
N LEU A 10 1.60 5.45 -1.10
CA LEU A 10 2.46 6.23 -1.98
C LEU A 10 1.90 7.62 -2.22
N GLY A 11 0.61 7.68 -2.57
CA GLY A 11 -0.04 8.95 -2.82
C GLY A 11 -0.17 9.79 -1.55
N ARG A 1 5.08 -9.21 3.72
CA ARG A 1 4.83 -7.75 3.54
C ARG A 1 3.77 -7.25 4.52
N ARG A 2 3.83 -5.96 4.85
CA ARG A 2 2.89 -5.35 5.78
C ARG A 2 1.46 -5.78 5.50
N TRP A 3 1.09 -5.83 4.23
CA TRP A 3 -0.25 -6.23 3.84
C TRP A 3 -0.37 -6.45 2.33
N GLN A 4 -1.45 -5.93 1.74
CA GLN A 4 -1.69 -6.05 0.31
C GLN A 4 -2.38 -4.80 -0.22
N TRP A 5 -1.75 -3.65 0.04
CA TRP A 5 -2.27 -2.36 -0.38
C TRP A 5 -2.43 -2.30 -1.91
N ARG A 6 -2.38 -1.08 -2.45
CA ARG A 6 -2.52 -0.87 -3.89
C ARG A 6 -1.75 0.36 -4.34
N MET A 7 -2.15 1.52 -3.81
CA MET A 7 -1.50 2.79 -4.14
C MET A 7 -2.09 3.94 -3.34
N LYS A 8 -2.30 3.71 -2.04
CA LYS A 8 -2.85 4.73 -1.17
C LYS A 8 -1.76 5.52 -0.46
N LYS A 9 -0.82 4.81 0.14
CA LYS A 9 0.28 5.45 0.86
C LYS A 9 1.25 6.12 -0.10
N LEU A 10 1.54 5.46 -1.21
CA LEU A 10 2.46 6.00 -2.22
C LEU A 10 1.92 7.31 -2.77
N GLY A 11 2.81 8.30 -2.88
CA GLY A 11 2.41 9.59 -3.40
C GLY A 11 3.54 10.60 -3.39
N ARG A 1 5.19 -8.85 3.84
CA ARG A 1 4.55 -7.51 3.87
C ARG A 1 3.53 -7.42 5.00
N ARG A 2 3.48 -6.26 5.65
CA ARG A 2 2.55 -6.03 6.76
C ARG A 2 1.10 -6.28 6.34
N TRP A 3 0.79 -5.98 5.08
CA TRP A 3 -0.56 -6.18 4.57
C TRP A 3 -0.57 -6.43 3.06
N GLN A 4 -1.46 -5.76 2.34
CA GLN A 4 -1.59 -5.92 0.90
C GLN A 4 -2.26 -4.69 0.29
N TRP A 5 -1.68 -3.53 0.54
CA TRP A 5 -2.19 -2.25 0.03
C TRP A 5 -2.27 -2.26 -1.50
N ARG A 6 -2.24 -1.06 -2.09
CA ARG A 6 -2.29 -0.92 -3.54
C ARG A 6 -1.57 0.35 -3.99
N MET A 7 -2.05 1.49 -3.48
CA MET A 7 -1.45 2.79 -3.81
C MET A 7 -2.12 3.90 -3.01
N LYS A 8 -2.36 3.65 -1.72
CA LYS A 8 -2.99 4.63 -0.86
C LYS A 8 -1.95 5.50 -0.17
N LYS A 9 -0.93 4.87 0.40
CA LYS A 9 0.13 5.58 1.10
C LYS A 9 0.97 6.40 0.13
N LEU A 10 1.20 5.86 -1.06
CA LEU A 10 1.98 6.53 -2.08
C LEU A 10 1.42 7.92 -2.38
N GLY A 11 2.30 8.91 -2.49
CA GLY A 11 1.88 10.26 -2.77
C GLY A 11 3.04 11.24 -2.87
N ARG A 1 5.42 -8.54 3.98
CA ARG A 1 4.88 -7.20 3.62
C ARG A 1 3.91 -6.69 4.68
N ARG A 2 3.89 -5.38 4.87
CA ARG A 2 3.01 -4.75 5.86
C ARG A 2 1.57 -5.25 5.70
N TRP A 3 1.13 -5.38 4.45
CA TRP A 3 -0.22 -5.85 4.14
C TRP A 3 -0.38 -6.12 2.65
N GLN A 4 -1.51 -5.69 2.08
CA GLN A 4 -1.78 -5.90 0.67
C GLN A 4 -2.40 -4.65 0.04
N TRP A 5 -1.73 -3.52 0.24
CA TRP A 5 -2.20 -2.25 -0.29
C TRP A 5 -2.24 -2.25 -1.82
N ARG A 6 -2.19 -1.07 -2.42
CA ARG A 6 -2.22 -0.94 -3.87
C ARG A 6 -1.47 0.31 -4.32
N MET A 7 -1.88 1.46 -3.80
CA MET A 7 -1.25 2.74 -4.13
C MET A 7 -1.84 3.88 -3.31
N LYS A 8 -2.18 3.58 -2.06
CA LYS A 8 -2.74 4.59 -1.17
C LYS A 8 -1.64 5.39 -0.50
N LYS A 9 -0.65 4.68 0.03
CA LYS A 9 0.47 5.31 0.70
C LYS A 9 1.39 5.99 -0.30
N LEU A 10 1.53 5.39 -1.48
CA LEU A 10 2.37 5.92 -2.54
C LEU A 10 1.95 7.36 -2.88
N GLY A 11 2.94 8.24 -3.00
CA GLY A 11 2.66 9.63 -3.32
C GLY A 11 3.92 10.47 -3.38
N ARG A 1 6.58 -5.62 3.94
CA ARG A 1 5.10 -5.65 3.77
C ARG A 1 4.42 -6.19 5.03
N ARG A 2 3.24 -5.68 5.32
CA ARG A 2 2.48 -6.11 6.49
C ARG A 2 0.98 -6.09 6.24
N TRP A 3 0.60 -6.30 4.97
CA TRP A 3 -0.81 -6.32 4.60
C TRP A 3 -0.99 -6.68 3.12
N GLN A 4 -1.77 -5.89 2.40
CA GLN A 4 -2.03 -6.12 0.98
C GLN A 4 -2.66 -4.89 0.35
N TRP A 5 -1.99 -3.75 0.52
CA TRP A 5 -2.46 -2.47 -0.02
C TRP A 5 -2.59 -2.53 -1.54
N ARG A 6 -2.54 -1.36 -2.19
CA ARG A 6 -2.65 -1.28 -3.64
C ARG A 6 -1.93 -0.05 -4.17
N MET A 7 -2.27 1.11 -3.61
CA MET A 7 -1.66 2.37 -4.03
C MET A 7 -2.13 3.52 -3.15
N LYS A 8 -2.23 3.28 -1.84
CA LYS A 8 -2.66 4.30 -0.90
C LYS A 8 -1.46 5.13 -0.42
N LYS A 9 -0.40 4.42 -0.06
CA LYS A 9 0.81 5.07 0.43
C LYS A 9 1.51 5.82 -0.71
N LEU A 10 1.50 5.22 -1.89
CA LEU A 10 2.12 5.83 -3.07
C LEU A 10 1.53 7.20 -3.36
N GLY A 11 2.39 8.18 -3.60
CA GLY A 11 1.93 9.53 -3.88
C GLY A 11 3.07 10.52 -4.02
N ARG A 1 4.79 -8.17 2.56
CA ARG A 1 3.91 -6.98 2.65
C ARG A 1 3.22 -6.91 4.01
N ARG A 2 3.19 -5.71 4.59
CA ARG A 2 2.55 -5.51 5.89
C ARG A 2 1.06 -5.87 5.83
N TRP A 3 0.47 -5.70 4.65
CA TRP A 3 -0.94 -6.02 4.45
C TRP A 3 -1.24 -6.31 2.97
N GLN A 4 -2.29 -5.70 2.43
CA GLN A 4 -2.66 -5.91 1.04
C GLN A 4 -3.25 -4.63 0.45
N TRP A 5 -2.49 -3.53 0.55
CA TRP A 5 -2.91 -2.24 0.03
C TRP A 5 -3.11 -2.29 -1.49
N ARG A 6 -2.88 -1.16 -2.15
CA ARG A 6 -3.05 -1.07 -3.60
C ARG A 6 -2.12 -0.01 -4.20
N MET A 7 -2.29 1.23 -3.77
CA MET A 7 -1.48 2.33 -4.27
C MET A 7 -1.80 3.62 -3.53
N LYS A 8 -2.18 3.51 -2.26
CA LYS A 8 -2.52 4.66 -1.44
C LYS A 8 -1.25 5.25 -0.83
N LYS A 9 -0.35 4.37 -0.42
CA LYS A 9 0.91 4.78 0.19
C LYS A 9 1.70 5.68 -0.76
N LEU A 10 1.67 5.33 -2.04
CA LEU A 10 2.38 6.10 -3.06
C LEU A 10 1.88 7.55 -3.09
N GLY A 11 0.56 7.71 -3.06
CA GLY A 11 -0.02 9.04 -3.08
C GLY A 11 0.35 9.86 -1.86
N ARG A 1 5.95 -5.06 3.85
CA ARG A 1 4.48 -4.85 3.79
C ARG A 1 3.76 -5.65 4.88
N ARG A 2 2.94 -4.96 5.67
CA ARG A 2 2.19 -5.61 6.74
C ARG A 2 0.72 -5.80 6.38
N TRP A 3 0.45 -5.97 5.08
CA TRP A 3 -0.91 -6.15 4.60
C TRP A 3 -0.93 -6.44 3.09
N GLN A 4 -1.91 -5.88 2.39
CA GLN A 4 -2.03 -6.08 0.95
C GLN A 4 -2.61 -4.84 0.27
N TRP A 5 -1.91 -3.73 0.40
CA TRP A 5 -2.34 -2.46 -0.20
C TRP A 5 -2.37 -2.54 -1.72
N ARG A 6 -2.01 -1.45 -2.40
CA ARG A 6 -2.02 -1.43 -3.86
C ARG A 6 -1.32 -0.18 -4.40
N MET A 7 -1.73 0.98 -3.91
CA MET A 7 -1.14 2.25 -4.35
C MET A 7 -1.67 3.41 -3.52
N LYS A 8 -1.93 3.14 -2.24
CA LYS A 8 -2.43 4.17 -1.32
C LYS A 8 -1.27 5.01 -0.80
N LYS A 9 -0.14 4.33 -0.55
CA LYS A 9 1.06 5.00 -0.05
C LYS A 9 1.58 6.01 -1.07
N LEU A 10 1.64 5.58 -2.32
CA LEU A 10 2.13 6.43 -3.39
C LEU A 10 1.24 7.65 -3.56
N GLY A 11 -0.07 7.42 -3.58
CA GLY A 11 -1.01 8.51 -3.73
C GLY A 11 -0.95 9.49 -2.59
N ARG A 1 4.39 -8.61 3.69
CA ARG A 1 4.85 -7.29 4.17
C ARG A 1 3.93 -6.76 5.28
N ARG A 2 3.57 -5.49 5.23
CA ARG A 2 2.70 -4.89 6.24
C ARG A 2 1.26 -5.37 6.05
N TRP A 3 0.83 -5.43 4.80
CA TRP A 3 -0.53 -5.87 4.48
C TRP A 3 -0.68 -6.18 2.99
N GLN A 4 -1.81 -5.77 2.40
CA GLN A 4 -2.06 -6.01 0.99
C GLN A 4 -2.62 -4.76 0.32
N TRP A 5 -1.90 -3.65 0.46
CA TRP A 5 -2.30 -2.38 -0.12
C TRP A 5 -2.32 -2.45 -1.65
N ARG A 6 -2.02 -1.34 -2.31
CA ARG A 6 -2.00 -1.28 -3.77
C ARG A 6 -1.39 0.03 -4.27
N MET A 7 -1.89 1.15 -3.74
CA MET A 7 -1.38 2.46 -4.12
C MET A 7 -2.03 3.57 -3.28
N LYS A 8 -2.19 3.32 -1.99
CA LYS A 8 -2.79 4.29 -1.09
C LYS A 8 -1.72 5.20 -0.49
N LYS A 9 -0.64 4.60 0.00
CA LYS A 9 0.44 5.35 0.60
C LYS A 9 1.19 6.17 -0.44
N LEU A 10 1.33 5.60 -1.64
CA LEU A 10 2.02 6.27 -2.72
C LEU A 10 1.41 7.64 -3.01
N GLY A 11 2.27 8.65 -3.13
CA GLY A 11 1.80 10.00 -3.39
C GLY A 11 2.94 11.01 -3.48
N ARG A 1 6.09 -7.50 3.38
CA ARG A 1 5.15 -6.39 3.10
C ARG A 1 4.29 -6.08 4.32
N ARG A 2 4.03 -4.79 4.54
CA ARG A 2 3.22 -4.35 5.68
C ARG A 2 1.86 -5.05 5.68
N TRP A 3 1.29 -5.23 4.49
CA TRP A 3 -0.01 -5.88 4.35
C TRP A 3 -0.32 -6.17 2.87
N GLN A 4 -1.55 -5.88 2.46
CA GLN A 4 -1.96 -6.11 1.09
C GLN A 4 -2.69 -4.89 0.52
N TRP A 5 -2.03 -3.75 0.59
CA TRP A 5 -2.60 -2.50 0.10
C TRP A 5 -2.83 -2.55 -1.42
N ARG A 6 -2.62 -1.43 -2.11
CA ARG A 6 -2.80 -1.38 -3.55
C ARG A 6 -2.09 -0.17 -4.16
N MET A 7 -2.57 1.03 -3.83
CA MET A 7 -1.97 2.27 -4.35
C MET A 7 -2.29 3.45 -3.44
N LYS A 8 -2.54 3.17 -2.17
CA LYS A 8 -2.85 4.22 -1.20
C LYS A 8 -1.59 4.72 -0.52
N LYS A 9 -0.71 3.80 -0.15
CA LYS A 9 0.55 4.15 0.52
C LYS A 9 1.41 5.03 -0.38
N LEU A 10 1.43 4.72 -1.67
CA LEU A 10 2.21 5.50 -2.63
C LEU A 10 1.84 6.98 -2.59
N GLY A 11 2.84 7.83 -2.53
CA GLY A 11 2.60 9.26 -2.48
C GLY A 11 3.88 10.07 -2.37
N ARG A 1 6.62 -3.47 3.66
CA ARG A 1 5.25 -4.01 3.45
C ARG A 1 4.77 -4.77 4.69
N ARG A 2 3.47 -4.71 4.94
CA ARG A 2 2.88 -5.38 6.08
C ARG A 2 1.37 -5.56 5.91
N TRP A 3 0.95 -5.80 4.66
CA TRP A 3 -0.46 -5.99 4.35
C TRP A 3 -0.65 -6.36 2.87
N GLN A 4 -1.52 -5.63 2.18
CA GLN A 4 -1.79 -5.89 0.77
C GLN A 4 -2.48 -4.70 0.12
N TRP A 5 -1.86 -3.53 0.25
CA TRP A 5 -2.39 -2.29 -0.31
C TRP A 5 -2.46 -2.37 -1.84
N ARG A 6 -2.23 -1.24 -2.51
CA ARG A 6 -2.26 -1.19 -3.97
C ARG A 6 -1.58 0.07 -4.48
N MET A 7 -2.07 1.24 -4.05
CA MET A 7 -1.50 2.52 -4.44
C MET A 7 -1.87 3.61 -3.44
N LYS A 8 -2.28 3.21 -2.24
CA LYS A 8 -2.65 4.16 -1.20
C LYS A 8 -1.40 4.71 -0.53
N LYS A 9 -0.40 3.85 -0.35
CA LYS A 9 0.86 4.24 0.27
C LYS A 9 1.51 5.36 -0.51
N LEU A 10 1.54 5.22 -1.82
CA LEU A 10 2.15 6.21 -2.70
C LEU A 10 1.42 7.55 -2.61
N GLY A 11 2.18 8.64 -2.56
CA GLY A 11 1.59 9.97 -2.48
C GLY A 11 2.63 11.06 -2.54
N ARG A 1 4.46 -7.88 4.47
CA ARG A 1 4.97 -6.54 4.87
C ARG A 1 4.09 -5.91 5.95
N ARG A 2 2.79 -6.01 5.73
CA ARG A 2 1.81 -5.46 6.67
C ARG A 2 0.38 -5.83 6.24
N TRP A 3 0.16 -5.89 4.94
CA TRP A 3 -1.15 -6.24 4.40
C TRP A 3 -1.06 -6.63 2.92
N GLN A 4 -1.98 -6.09 2.11
CA GLN A 4 -2.01 -6.37 0.67
C GLN A 4 -2.61 -5.19 -0.09
N TRP A 5 -2.01 -4.03 0.10
CA TRP A 5 -2.47 -2.80 -0.54
C TRP A 5 -2.46 -2.91 -2.06
N ARG A 6 -2.16 -1.80 -2.74
CA ARG A 6 -2.12 -1.77 -4.20
C ARG A 6 -1.43 -0.52 -4.70
N MET A 7 -1.86 0.64 -4.17
CA MET A 7 -1.28 1.92 -4.57
C MET A 7 -1.73 3.03 -3.63
N LYS A 8 -2.15 2.66 -2.43
CA LYS A 8 -2.58 3.63 -1.44
C LYS A 8 -1.35 4.31 -0.84
N LYS A 9 -0.32 3.50 -0.61
CA LYS A 9 0.93 3.98 -0.05
C LYS A 9 1.86 4.49 -1.16
N LEU A 10 1.28 5.16 -2.16
CA LEU A 10 2.05 5.68 -3.29
C LEU A 10 2.89 6.90 -2.88
N GLY A 11 3.37 6.91 -1.64
CA GLY A 11 4.18 8.02 -1.17
C GLY A 11 4.63 7.82 0.26
N ARG A 1 5.62 -8.02 3.41
CA ARG A 1 4.89 -6.75 3.14
C ARG A 1 3.99 -6.39 4.32
N ARG A 2 3.90 -5.10 4.61
CA ARG A 2 3.06 -4.61 5.70
C ARG A 2 1.64 -5.15 5.59
N TRP A 3 1.15 -5.25 4.36
CA TRP A 3 -0.20 -5.75 4.11
C TRP A 3 -0.40 -6.02 2.62
N GLN A 4 -1.50 -5.50 2.06
CA GLN A 4 -1.82 -5.70 0.65
C GLN A 4 -2.49 -4.46 0.06
N TRP A 5 -1.87 -3.30 0.30
CA TRP A 5 -2.39 -2.02 -0.18
C TRP A 5 -2.46 -2.00 -1.71
N ARG A 6 -2.43 -0.78 -2.28
CA ARG A 6 -2.48 -0.60 -3.71
C ARG A 6 -1.68 0.63 -4.13
N MET A 7 -2.19 1.80 -3.78
CA MET A 7 -1.54 3.07 -4.09
C MET A 7 -1.97 4.16 -3.12
N LYS A 8 -2.28 3.75 -1.89
CA LYS A 8 -2.70 4.68 -0.86
C LYS A 8 -1.50 5.26 -0.12
N LYS A 9 -0.52 4.40 0.16
CA LYS A 9 0.69 4.82 0.86
C LYS A 9 1.40 5.92 0.10
N LEU A 10 1.55 5.74 -1.21
CA LEU A 10 2.22 6.73 -2.06
C LEU A 10 1.29 7.90 -2.30
N GLY A 11 1.30 8.43 -3.53
CA GLY A 11 0.42 9.53 -3.86
C GLY A 11 0.53 10.69 -2.89
N ARG A 1 4.05 -8.72 2.38
CA ARG A 1 4.65 -7.58 3.12
C ARG A 1 3.79 -7.22 4.34
N ARG A 2 3.58 -5.93 4.58
CA ARG A 2 2.78 -5.49 5.72
C ARG A 2 1.33 -5.95 5.56
N TRP A 3 0.85 -5.96 4.32
CA TRP A 3 -0.52 -6.39 4.03
C TRP A 3 -0.71 -6.63 2.53
N GLN A 4 -1.75 -6.03 1.95
CA GLN A 4 -2.04 -6.18 0.54
C GLN A 4 -2.66 -4.90 -0.03
N TRP A 5 -1.99 -3.78 0.20
CA TRP A 5 -2.46 -2.47 -0.27
C TRP A 5 -2.54 -2.44 -1.80
N ARG A 6 -2.48 -1.24 -2.37
CA ARG A 6 -2.55 -1.06 -3.82
C ARG A 6 -1.79 0.17 -4.25
N MET A 7 -2.17 1.32 -3.70
CA MET A 7 -1.52 2.60 -4.03
C MET A 7 -2.07 3.73 -3.18
N LYS A 8 -2.34 3.43 -1.91
CA LYS A 8 -2.88 4.43 -0.99
C LYS A 8 -1.77 5.05 -0.16
N LYS A 9 -0.95 4.21 0.45
CA LYS A 9 0.14 4.67 1.28
C LYS A 9 1.22 5.36 0.44
N LEU A 10 1.46 4.81 -0.76
CA LEU A 10 2.46 5.37 -1.66
C LEU A 10 2.01 6.73 -2.19
N GLY A 11 2.93 7.69 -2.20
CA GLY A 11 2.61 9.02 -2.69
C GLY A 11 3.80 9.96 -2.64
N ARG A 1 4.76 -8.84 3.67
CA ARG A 1 4.35 -7.44 3.42
C ARG A 1 3.48 -6.92 4.56
N ARG A 2 3.60 -5.62 4.83
CA ARG A 2 2.84 -4.98 5.90
C ARG A 2 1.35 -5.33 5.79
N TRP A 3 0.87 -5.42 4.55
CA TRP A 3 -0.53 -5.76 4.30
C TRP A 3 -0.76 -6.08 2.81
N GLN A 4 -1.78 -5.46 2.22
CA GLN A 4 -2.10 -5.70 0.81
C GLN A 4 -2.67 -4.43 0.17
N TRP A 5 -1.96 -3.32 0.34
CA TRP A 5 -2.38 -2.03 -0.19
C TRP A 5 -2.47 -2.07 -1.72
N ARG A 6 -2.36 -0.90 -2.34
CA ARG A 6 -2.42 -0.77 -3.80
C ARG A 6 -1.66 0.46 -4.25
N MET A 7 -2.08 1.62 -3.76
CA MET A 7 -1.44 2.89 -4.10
C MET A 7 -2.08 4.04 -3.32
N LYS A 8 -2.38 3.79 -2.05
CA LYS A 8 -3.00 4.79 -1.20
C LYS A 8 -1.93 5.67 -0.54
N LYS A 9 -0.88 5.04 -0.05
CA LYS A 9 0.21 5.77 0.62
C LYS A 9 1.01 6.58 -0.39
N LEU A 10 1.23 6.01 -1.57
CA LEU A 10 1.99 6.67 -2.62
C LEU A 10 1.12 7.71 -3.34
N GLY A 11 0.44 8.55 -2.57
CA GLY A 11 -0.41 9.58 -3.14
C GLY A 11 0.37 10.59 -3.94
N ARG A 1 6.13 -3.19 3.81
CA ARG A 1 4.96 -4.04 3.47
C ARG A 1 4.56 -4.93 4.64
N ARG A 2 3.26 -5.02 4.87
CA ARG A 2 2.72 -5.85 5.95
C ARG A 2 1.22 -6.03 5.79
N TRP A 3 0.79 -6.17 4.54
CA TRP A 3 -0.62 -6.35 4.22
C TRP A 3 -0.81 -6.64 2.73
N GLN A 4 -1.83 -6.02 2.12
CA GLN A 4 -2.11 -6.23 0.71
C GLN A 4 -2.60 -4.95 0.04
N TRP A 5 -1.83 -3.87 0.20
CA TRP A 5 -2.17 -2.58 -0.39
C TRP A 5 -2.11 -2.65 -1.92
N ARG A 6 -1.71 -1.55 -2.55
CA ARG A 6 -1.60 -1.49 -4.00
C ARG A 6 -0.91 -0.21 -4.46
N MET A 7 -1.40 0.93 -3.98
CA MET A 7 -0.83 2.23 -4.32
C MET A 7 -1.50 3.35 -3.53
N LYS A 8 -2.03 3.01 -2.35
CA LYS A 8 -2.67 4.00 -1.50
C LYS A 8 -1.62 4.77 -0.71
N LYS A 9 -0.57 4.07 -0.29
CA LYS A 9 0.52 4.66 0.47
C LYS A 9 1.12 5.84 -0.30
N LEU A 10 1.20 5.69 -1.62
CA LEU A 10 1.75 6.72 -2.49
C LEU A 10 0.95 8.01 -2.35
N GLY A 11 1.65 9.13 -2.20
CA GLY A 11 1.00 10.42 -2.07
C GLY A 11 1.98 11.56 -1.92
N ARG A 1 3.93 -9.01 3.20
CA ARG A 1 4.33 -7.67 3.68
C ARG A 1 3.42 -7.21 4.83
N ARG A 2 3.08 -5.93 4.85
CA ARG A 2 2.20 -5.38 5.88
C ARG A 2 0.75 -5.76 5.61
N TRP A 3 0.38 -5.77 4.34
CA TRP A 3 -0.98 -6.09 3.93
C TRP A 3 -1.07 -6.31 2.42
N GLN A 4 -2.04 -5.67 1.78
CA GLN A 4 -2.24 -5.78 0.35
C GLN A 4 -2.93 -4.52 -0.19
N TRP A 5 -2.29 -3.38 0.06
CA TRP A 5 -2.80 -2.08 -0.38
C TRP A 5 -2.97 -2.01 -1.89
N ARG A 6 -2.85 -0.81 -2.46
CA ARG A 6 -3.00 -0.63 -3.90
C ARG A 6 -2.09 0.47 -4.41
N MET A 7 -2.28 1.69 -3.92
CA MET A 7 -1.47 2.83 -4.33
C MET A 7 -1.82 4.08 -3.53
N LYS A 8 -2.18 3.89 -2.27
CA LYS A 8 -2.53 5.02 -1.41
C LYS A 8 -1.28 5.58 -0.75
N LYS A 9 -0.38 4.68 -0.34
CA LYS A 9 0.86 5.07 0.30
C LYS A 9 1.72 5.93 -0.64
N LEU A 10 1.81 5.49 -1.88
CA LEU A 10 2.60 6.21 -2.89
C LEU A 10 2.05 7.61 -3.11
N GLY A 11 0.73 7.70 -3.28
CA GLY A 11 0.10 8.99 -3.50
C GLY A 11 0.26 9.93 -2.31
N ARG A 1 4.86 -9.33 3.23
CA ARG A 1 4.49 -7.90 3.09
C ARG A 1 3.58 -7.45 4.23
N ARG A 2 3.71 -6.18 4.63
CA ARG A 2 2.90 -5.63 5.71
C ARG A 2 1.43 -5.92 5.47
N TRP A 3 1.04 -5.95 4.20
CA TRP A 3 -0.34 -6.23 3.81
C TRP A 3 -0.46 -6.45 2.30
N GLN A 4 -1.55 -5.96 1.71
CA GLN A 4 -1.78 -6.11 0.28
C GLN A 4 -2.44 -4.86 -0.30
N TRP A 5 -1.80 -3.72 -0.10
CA TRP A 5 -2.31 -2.44 -0.59
C TRP A 5 -2.40 -2.43 -2.12
N ARG A 6 -2.14 -1.26 -2.72
CA ARG A 6 -2.18 -1.14 -4.18
C ARG A 6 -1.62 0.20 -4.63
N MET A 7 -2.10 1.29 -4.04
CA MET A 7 -1.63 2.63 -4.39
C MET A 7 -2.27 3.67 -3.47
N LYS A 8 -2.46 3.30 -2.20
CA LYS A 8 -3.04 4.21 -1.23
C LYS A 8 -1.96 5.09 -0.61
N LYS A 9 -0.86 4.44 -0.24
CA LYS A 9 0.27 5.13 0.37
C LYS A 9 1.34 5.46 -0.68
N LEU A 10 0.90 5.85 -1.87
CA LEU A 10 1.81 6.19 -2.95
C LEU A 10 2.60 7.45 -2.62
N GLY A 11 3.91 7.39 -2.82
CA GLY A 11 4.76 8.53 -2.54
C GLY A 11 6.23 8.24 -2.77
#